data_8X1D
#
_entry.id   8X1D
#
_cell.length_a   72.798
_cell.length_b   72.798
_cell.length_c   165.639
_cell.angle_alpha   90.000
_cell.angle_beta   90.000
_cell.angle_gamma   90.000
#
_symmetry.space_group_name_H-M   'P 43 21 2'
#
loop_
_entity.id
_entity.type
_entity.pdbx_description
1 polymer Endo-1,4-beta-xylanase
2 non-polymer 'ACETATE ION'
3 water water
#
_entity_poly.entity_id   1
_entity_poly.type   'polypeptide(L)'
_entity_poly.pdbx_seq_one_letter_code
;DTTNYWQDWTDGVGTVNASNLAGGQYSVSWTNCGNFVVGKGWSTGSPSRVVNYNAGAFSPNGNGYLSLYGWTRSPLIEYY
VVDDWGSYRPTGTYMGTVTSDGGTYDIYTATRVNAPSIDGTQTFTQFWSVRQSKRSIGTNNTITFANHVNAWKSHGMNLG
SSWAYQIIATEGYQSSGYANVTVW
;
_entity_poly.pdbx_strand_id   A,B
#
loop_
_chem_comp.id
_chem_comp.type
_chem_comp.name
_chem_comp.formula
ACT non-polymer 'ACETATE ION' 'C2 H3 O2 -1'
#
# COMPACT_ATOMS: atom_id res chain seq x y z
N THR A 2 -8.87 -2.63 -6.87
CA THR A 2 -7.55 -2.58 -7.49
C THR A 2 -6.47 -2.63 -6.40
N THR A 3 -5.21 -2.69 -6.80
CA THR A 3 -4.14 -2.77 -5.84
C THR A 3 -3.94 -1.44 -5.13
N ASN A 4 -3.42 -1.50 -3.91
CA ASN A 4 -3.05 -0.28 -3.21
C ASN A 4 -1.59 -0.25 -2.80
N TYR A 5 -0.79 -1.27 -3.15
CA TYR A 5 0.50 -1.41 -2.49
C TYR A 5 1.56 -1.88 -3.48
N TRP A 6 2.77 -1.33 -3.30
CA TRP A 6 3.93 -1.59 -4.14
C TRP A 6 5.08 -1.99 -3.24
N GLN A 7 5.67 -3.16 -3.51
CA GLN A 7 6.73 -3.69 -2.67
C GLN A 7 7.97 -3.85 -3.49
N ASP A 8 9.08 -3.33 -2.99
CA ASP A 8 10.31 -3.26 -3.75
C ASP A 8 11.47 -3.63 -2.80
N TRP A 9 11.41 -4.82 -2.21
CA TRP A 9 12.39 -5.24 -1.21
C TRP A 9 13.53 -6.04 -1.86
N THR A 10 14.77 -5.65 -1.57
CA THR A 10 15.93 -6.44 -1.95
C THR A 10 16.92 -6.45 -0.80
N ASP A 11 17.73 -7.51 -0.74
CA ASP A 11 18.76 -7.53 0.29
C ASP A 11 20.00 -6.77 -0.15
N GLY A 12 19.98 -6.13 -1.33
CA GLY A 12 21.06 -5.30 -1.81
C GLY A 12 22.15 -6.04 -2.56
N VAL A 13 22.11 -7.36 -2.59
CA VAL A 13 23.13 -8.13 -3.29
C VAL A 13 22.83 -8.13 -4.79
N GLY A 14 23.84 -7.87 -5.61
CA GLY A 14 23.67 -7.85 -7.05
C GLY A 14 22.79 -6.67 -7.46
N THR A 15 22.29 -6.72 -8.68
CA THR A 15 21.51 -5.61 -9.20
C THR A 15 20.08 -6.05 -9.46
N VAL A 16 19.15 -5.33 -8.85
CA VAL A 16 17.72 -5.55 -8.99
C VAL A 16 17.11 -4.19 -9.28
N ASN A 17 16.53 -4.06 -10.46
N ASN A 17 16.45 -4.05 -10.43
CA ASN A 17 15.83 -2.84 -10.87
CA ASN A 17 15.87 -2.79 -10.84
C ASN A 17 14.36 -3.15 -10.99
C ASN A 17 14.39 -3.01 -11.10
N ALA A 18 13.55 -2.44 -10.24
CA ALA A 18 12.11 -2.67 -10.21
C ALA A 18 11.39 -1.37 -10.53
N SER A 19 10.28 -1.46 -11.27
CA SER A 19 9.57 -0.29 -11.72
C SER A 19 8.13 -0.36 -11.25
N ASN A 20 7.71 0.66 -10.52
CA ASN A 20 6.31 0.84 -10.14
C ASN A 20 5.57 1.48 -11.30
N LEU A 21 5.03 0.66 -12.19
CA LEU A 21 4.32 1.17 -13.35
C LEU A 21 2.89 1.54 -12.97
N ALA A 22 2.11 1.97 -13.96
CA ALA A 22 0.78 2.46 -13.67
C ALA A 22 -0.13 1.34 -13.20
N GLY A 23 -1.10 1.70 -12.37
CA GLY A 23 -2.09 0.75 -11.89
C GLY A 23 -1.42 -0.42 -11.20
N GLY A 24 -1.81 -1.63 -11.62
CA GLY A 24 -1.34 -2.83 -10.97
C GLY A 24 -0.16 -3.47 -11.64
N GLN A 25 0.55 -2.74 -12.49
CA GLN A 25 1.61 -3.30 -13.32
C GLN A 25 2.97 -2.99 -12.72
N TYR A 26 3.89 -3.95 -12.82
CA TYR A 26 5.26 -3.69 -12.39
C TYR A 26 6.19 -4.51 -13.26
N SER A 27 7.45 -4.12 -13.26
CA SER A 27 8.47 -4.92 -13.91
C SER A 27 9.69 -4.97 -13.00
N VAL A 28 10.54 -5.97 -13.24
CA VAL A 28 11.80 -6.12 -12.51
C VAL A 28 12.79 -6.88 -13.40
N SER A 29 14.02 -6.36 -13.50
CA SER A 29 15.16 -7.03 -14.12
C SER A 29 16.21 -7.25 -13.06
N TRP A 30 16.89 -8.40 -13.10
CA TRP A 30 17.90 -8.61 -12.08
C TRP A 30 19.06 -9.39 -12.64
N THR A 31 20.23 -9.14 -12.04
CA THR A 31 21.46 -9.78 -12.47
C THR A 31 22.27 -10.19 -11.26
N ASN A 32 22.51 -11.49 -11.12
CA ASN A 32 23.25 -12.06 -9.99
C ASN A 32 22.73 -11.53 -8.65
N CYS A 33 21.44 -11.69 -8.41
CA CYS A 33 20.87 -11.14 -7.19
C CYS A 33 21.28 -11.97 -5.97
N GLY A 34 20.94 -11.46 -4.79
CA GLY A 34 20.92 -12.21 -3.55
C GLY A 34 19.54 -12.76 -3.32
N ASN A 35 18.70 -12.03 -2.59
CA ASN A 35 17.29 -12.32 -2.44
C ASN A 35 16.53 -11.01 -2.61
N PHE A 36 15.44 -11.06 -3.36
CA PHE A 36 14.55 -9.90 -3.45
C PHE A 36 13.11 -10.41 -3.51
N VAL A 37 12.18 -9.54 -3.10
CA VAL A 37 10.74 -9.80 -3.22
C VAL A 37 10.10 -8.52 -3.71
N VAL A 38 9.61 -8.52 -4.95
CA VAL A 38 9.05 -7.33 -5.60
C VAL A 38 7.65 -7.68 -6.11
N GLY A 39 6.68 -6.80 -5.89
CA GLY A 39 5.37 -7.05 -6.47
C GLY A 39 4.37 -6.02 -6.04
N LYS A 40 3.12 -6.26 -6.47
CA LYS A 40 2.00 -5.37 -6.22
C LYS A 40 0.85 -6.17 -5.63
N GLY A 41 0.10 -5.50 -4.77
CA GLY A 41 -1.02 -6.13 -4.14
C GLY A 41 -1.64 -5.19 -3.13
N TRP A 42 -1.78 -5.65 -1.90
CA TRP A 42 -2.55 -4.94 -0.88
C TRP A 42 -1.73 -4.86 0.41
N SER A 43 -1.81 -3.70 1.08
CA SER A 43 -0.99 -3.53 2.28
C SER A 43 -1.51 -4.34 3.45
N THR A 44 -2.80 -4.70 3.45
CA THR A 44 -3.39 -5.60 4.44
C THR A 44 -4.00 -6.79 3.70
N GLY A 45 -3.42 -7.97 3.92
CA GLY A 45 -3.93 -9.16 3.28
C GLY A 45 -5.28 -9.57 3.83
N SER A 46 -5.97 -10.42 3.07
CA SER A 46 -7.28 -10.91 3.44
C SER A 46 -7.37 -12.39 3.09
N PRO A 47 -7.97 -13.22 3.94
CA PRO A 47 -8.08 -14.65 3.63
C PRO A 47 -9.11 -14.96 2.56
N SER A 48 -9.94 -14.00 2.17
CA SER A 48 -10.95 -14.28 1.16
C SER A 48 -10.71 -13.49 -0.12
N ARG A 49 -9.51 -12.95 -0.31
CA ARG A 49 -9.25 -12.17 -1.50
C ARG A 49 -9.19 -13.05 -2.74
N VAL A 50 -9.81 -12.59 -3.81
CA VAL A 50 -9.67 -13.18 -5.12
C VAL A 50 -8.67 -12.33 -5.88
N VAL A 51 -7.56 -12.92 -6.29
CA VAL A 51 -6.48 -12.17 -6.91
C VAL A 51 -6.36 -12.58 -8.37
N ASN A 52 -6.15 -11.59 -9.22
CA ASN A 52 -5.95 -11.85 -10.64
C ASN A 52 -4.64 -11.23 -11.09
N TYR A 53 -3.97 -11.91 -12.02
CA TYR A 53 -2.75 -11.36 -12.56
C TYR A 53 -2.53 -11.89 -13.97
N ASN A 54 -1.72 -11.14 -14.73
CA ASN A 54 -1.24 -11.56 -16.04
C ASN A 54 0.24 -11.22 -16.08
N ALA A 55 1.09 -12.24 -16.10
CA ALA A 55 2.52 -12.01 -16.23
C ALA A 55 2.81 -11.87 -17.71
N GLY A 56 3.00 -10.63 -18.17
CA GLY A 56 3.47 -10.41 -19.53
C GLY A 56 4.79 -11.10 -19.79
N ALA A 57 5.64 -11.21 -18.77
CA ALA A 57 6.86 -11.98 -18.88
C ALA A 57 7.24 -12.50 -17.50
N PHE A 58 7.78 -13.70 -17.46
CA PHE A 58 8.40 -14.26 -16.25
C PHE A 58 9.50 -15.20 -16.74
N SER A 59 10.74 -14.71 -16.78
CA SER A 59 11.86 -15.45 -17.37
C SER A 59 13.02 -15.42 -16.40
N PRO A 60 12.95 -16.18 -15.33
CA PRO A 60 14.14 -16.35 -14.49
C PRO A 60 15.19 -17.13 -15.23
N ASN A 61 16.45 -16.82 -14.93
CA ASN A 61 17.60 -17.57 -15.41
C ASN A 61 18.25 -18.10 -14.13
N GLY A 62 17.85 -19.31 -13.73
CA GLY A 62 18.09 -19.77 -12.38
C GLY A 62 16.82 -19.75 -11.53
N ASN A 63 16.98 -19.49 -10.24
CA ASN A 63 15.90 -19.63 -9.27
C ASN A 63 15.11 -18.32 -9.19
N GLY A 64 13.86 -18.37 -9.60
CA GLY A 64 12.90 -17.31 -9.32
C GLY A 64 11.51 -17.91 -9.18
N TYR A 65 10.66 -17.24 -8.39
CA TYR A 65 9.27 -17.66 -8.19
C TYR A 65 8.31 -16.57 -8.61
N LEU A 66 7.12 -16.98 -9.01
CA LEU A 66 5.97 -16.08 -9.19
C LEU A 66 4.86 -16.63 -8.32
N SER A 67 4.41 -15.84 -7.33
CA SER A 67 3.56 -16.38 -6.28
C SER A 67 2.62 -15.31 -5.76
N LEU A 68 1.46 -15.75 -5.28
CA LEU A 68 0.78 -14.95 -4.25
C LEU A 68 1.59 -15.07 -2.96
N TYR A 69 1.85 -13.96 -2.28
CA TYR A 69 2.85 -13.99 -1.22
C TYR A 69 2.49 -12.99 -0.13
N GLY A 70 2.71 -13.37 1.12
CA GLY A 70 2.35 -12.46 2.20
C GLY A 70 2.77 -13.00 3.55
N TRP A 71 2.49 -12.19 4.57
CA TRP A 71 2.89 -12.45 5.94
C TRP A 71 1.68 -12.25 6.84
N THR A 72 1.62 -13.04 7.90
CA THR A 72 0.80 -12.74 9.05
C THR A 72 1.71 -12.70 10.27
N ARG A 73 1.22 -12.03 11.30
CA ARG A 73 1.86 -12.03 12.60
C ARG A 73 0.93 -12.71 13.62
N SER A 74 1.54 -13.17 14.73
CA SER A 74 0.91 -13.84 15.86
C SER A 74 0.06 -15.03 15.40
N PRO A 75 0.71 -16.10 14.95
CA PRO A 75 2.15 -16.25 14.86
C PRO A 75 2.67 -15.72 13.53
N LEU A 76 3.98 -15.59 13.47
CA LEU A 76 4.66 -15.08 12.29
C LEU A 76 4.70 -16.17 11.22
N ILE A 77 4.02 -15.92 10.11
CA ILE A 77 3.93 -16.91 9.05
C ILE A 77 4.21 -16.22 7.72
N GLU A 78 5.10 -16.83 6.94
CA GLU A 78 5.35 -16.41 5.56
C GLU A 78 4.61 -17.40 4.66
N TYR A 79 3.76 -16.92 3.75
CA TYR A 79 2.99 -17.89 2.95
C TYR A 79 3.13 -17.63 1.46
N TYR A 80 2.96 -18.70 0.69
CA TYR A 80 3.11 -18.67 -0.76
C TYR A 80 2.02 -19.49 -1.42
N VAL A 81 1.49 -18.98 -2.54
CA VAL A 81 0.83 -19.80 -3.57
C VAL A 81 1.68 -19.65 -4.84
N VAL A 82 2.53 -20.64 -5.11
CA VAL A 82 3.50 -20.56 -6.20
C VAL A 82 2.89 -21.12 -7.49
N ASP A 83 2.76 -20.27 -8.51
CA ASP A 83 2.26 -20.68 -9.81
C ASP A 83 3.36 -20.97 -10.83
N ASP A 84 4.50 -20.29 -10.72
CA ASP A 84 5.61 -20.49 -11.64
C ASP A 84 6.93 -20.39 -10.88
N TRP A 85 7.96 -21.00 -11.47
CA TRP A 85 9.29 -21.04 -10.89
C TRP A 85 10.26 -21.28 -12.02
N GLY A 86 11.55 -21.12 -11.73
CA GLY A 86 12.57 -21.25 -12.75
C GLY A 86 13.23 -22.61 -12.70
N SER A 87 14.47 -22.62 -12.23
CA SER A 87 15.22 -23.87 -12.20
C SER A 87 14.91 -24.73 -10.98
N TYR A 88 14.23 -24.18 -9.97
CA TYR A 88 14.09 -24.87 -8.68
C TYR A 88 12.64 -24.79 -8.20
N ARG A 89 12.01 -25.95 -8.01
CA ARG A 89 10.65 -26.01 -7.47
C ARG A 89 10.71 -26.03 -5.94
N PRO A 90 10.12 -25.06 -5.25
CA PRO A 90 10.23 -25.05 -3.78
C PRO A 90 9.40 -26.16 -3.15
N THR A 91 9.98 -26.83 -2.12
CA THR A 91 9.27 -27.87 -1.41
C THR A 91 9.54 -27.79 0.09
N GLY A 92 8.79 -28.57 0.85
CA GLY A 92 8.99 -28.69 2.29
C GLY A 92 8.43 -30.01 2.76
N THR A 93 7.74 -29.98 3.90
CA THR A 93 7.10 -31.19 4.43
C THR A 93 5.69 -31.31 3.87
N TYR A 94 5.44 -32.40 3.17
CA TYR A 94 4.19 -32.60 2.45
C TYR A 94 3.02 -32.74 3.40
N MET A 95 1.94 -31.99 3.16
CA MET A 95 0.76 -32.09 4.01
C MET A 95 -0.48 -32.57 3.26
N GLY A 96 -0.50 -32.50 1.95
CA GLY A 96 -1.70 -32.78 1.18
C GLY A 96 -1.66 -32.03 -0.13
N THR A 97 -2.81 -31.92 -0.79
CA THR A 97 -2.90 -31.13 -2.01
C THR A 97 -4.17 -30.32 -1.98
N VAL A 98 -4.23 -29.30 -2.84
CA VAL A 98 -5.44 -28.51 -3.02
C VAL A 98 -5.55 -28.22 -4.51
N THR A 99 -6.76 -28.29 -5.04
CA THR A 99 -7.01 -28.05 -6.45
C THR A 99 -7.81 -26.77 -6.56
N SER A 100 -7.28 -25.79 -7.29
CA SER A 100 -7.92 -24.49 -7.36
C SER A 100 -7.50 -23.80 -8.65
N ASP A 101 -8.45 -23.11 -9.28
CA ASP A 101 -8.18 -22.28 -10.46
C ASP A 101 -7.41 -23.07 -11.52
N GLY A 102 -7.80 -24.33 -11.73
CA GLY A 102 -7.23 -25.12 -12.80
C GLY A 102 -5.91 -25.80 -12.48
N GLY A 103 -5.35 -25.58 -11.30
CA GLY A 103 -4.10 -26.20 -10.93
C GLY A 103 -4.30 -27.11 -9.73
N THR A 104 -3.44 -28.11 -9.61
CA THR A 104 -3.31 -28.90 -8.40
C THR A 104 -2.01 -28.52 -7.71
N TYR A 105 -2.09 -28.20 -6.42
CA TYR A 105 -0.97 -27.67 -5.64
C TYR A 105 -0.62 -28.62 -4.52
N ASP A 106 0.67 -28.96 -4.41
CA ASP A 106 1.15 -29.61 -3.19
C ASP A 106 1.19 -28.60 -2.06
N ILE A 107 0.84 -29.04 -0.86
CA ILE A 107 0.86 -28.18 0.32
C ILE A 107 2.05 -28.61 1.18
N TYR A 108 2.87 -27.64 1.58
CA TYR A 108 4.03 -27.90 2.41
C TYR A 108 4.09 -26.95 3.60
N THR A 109 4.72 -27.41 4.67
CA THR A 109 5.13 -26.58 5.79
C THR A 109 6.65 -26.61 5.90
N ALA A 110 7.19 -25.59 6.56
CA ALA A 110 8.61 -25.54 6.85
C ALA A 110 8.84 -24.56 7.99
N THR A 111 9.88 -24.82 8.77
CA THR A 111 10.30 -23.92 9.82
C THR A 111 11.55 -23.19 9.33
N ARG A 112 11.59 -21.87 9.48
CA ARG A 112 12.78 -21.07 9.25
C ARG A 112 13.29 -20.58 10.61
N VAL A 113 14.50 -21.03 10.98
CA VAL A 113 15.07 -20.82 12.32
C VAL A 113 16.02 -19.62 12.26
N ASN A 114 15.71 -18.57 13.01
CA ASN A 114 16.56 -17.39 13.11
C ASN A 114 16.97 -16.91 11.73
N ALA A 115 15.98 -16.71 10.90
CA ALA A 115 16.11 -16.43 9.48
C ALA A 115 15.58 -15.04 9.19
N PRO A 116 15.94 -14.45 8.04
CA PRO A 116 15.45 -13.11 7.72
C PRO A 116 13.96 -13.12 7.49
N SER A 117 13.31 -12.09 8.00
CA SER A 117 11.86 -12.02 7.97
C SER A 117 11.46 -10.56 7.91
N ILE A 118 10.15 -10.34 7.92
CA ILE A 118 9.61 -8.99 7.89
C ILE A 118 9.89 -8.26 9.19
N ASP A 119 10.41 -8.97 10.20
CA ASP A 119 10.85 -8.40 11.47
C ASP A 119 12.29 -8.76 11.77
N GLY A 120 13.16 -8.79 10.76
CA GLY A 120 14.54 -9.17 11.06
C GLY A 120 14.66 -10.65 11.39
N THR A 121 15.69 -10.98 12.18
CA THR A 121 16.00 -12.36 12.52
C THR A 121 14.89 -12.93 13.42
N GLN A 122 14.23 -13.99 12.96
CA GLN A 122 13.11 -14.59 13.68
C GLN A 122 13.03 -16.06 13.30
N THR A 123 12.41 -16.84 14.19
CA THR A 123 12.00 -18.21 13.87
C THR A 123 10.54 -18.16 13.49
N PHE A 124 10.21 -18.60 12.28
CA PHE A 124 8.84 -18.50 11.79
C PHE A 124 8.54 -19.70 10.92
N THR A 125 7.30 -19.77 10.46
CA THR A 125 6.82 -20.89 9.67
C THR A 125 6.43 -20.40 8.28
N GLN A 126 6.64 -21.25 7.29
CA GLN A 126 6.14 -21.04 5.94
C GLN A 126 5.00 -22.01 5.68
N PHE A 127 3.90 -21.50 5.11
CA PHE A 127 2.85 -22.30 4.51
C PHE A 127 2.99 -22.18 3.01
N TRP A 128 3.09 -23.30 2.30
CA TRP A 128 3.28 -23.32 0.85
C TRP A 128 2.13 -24.05 0.16
N SER A 129 1.61 -23.47 -0.93
CA SER A 129 0.93 -24.19 -2.00
C SER A 129 1.78 -24.04 -3.24
N VAL A 130 2.29 -25.15 -3.78
CA VAL A 130 3.16 -25.10 -4.94
C VAL A 130 2.51 -25.91 -6.05
N ARG A 131 2.29 -25.26 -7.19
CA ARG A 131 1.63 -25.93 -8.30
C ARG A 131 2.48 -27.11 -8.74
N GLN A 132 1.81 -28.21 -9.14
CA GLN A 132 2.56 -29.40 -9.52
C GLN A 132 3.22 -29.23 -10.88
N SER A 133 2.67 -28.38 -11.71
CA SER A 133 3.30 -27.98 -12.96
C SER A 133 3.21 -26.47 -13.09
N LYS A 134 4.11 -25.89 -13.88
CA LYS A 134 4.14 -24.44 -14.04
C LYS A 134 2.88 -23.94 -14.74
N ARG A 135 2.23 -22.94 -14.16
CA ARG A 135 1.08 -22.32 -14.81
C ARG A 135 1.49 -21.58 -16.08
N SER A 136 0.55 -21.47 -17.02
CA SER A 136 0.83 -20.74 -18.25
C SER A 136 1.18 -19.29 -17.93
N ILE A 137 2.11 -18.75 -18.70
CA ILE A 137 2.58 -17.37 -18.60
C ILE A 137 1.96 -16.57 -19.73
N GLY A 138 1.62 -15.30 -19.47
CA GLY A 138 0.98 -14.45 -20.44
C GLY A 138 -0.53 -14.56 -20.48
N THR A 139 -1.14 -15.35 -19.61
CA THR A 139 -2.58 -15.50 -19.54
C THR A 139 -3.12 -14.79 -18.31
N ASN A 140 -4.42 -14.47 -18.34
CA ASN A 140 -5.11 -13.92 -17.18
C ASN A 140 -5.37 -15.06 -16.20
N ASN A 141 -4.70 -15.03 -15.05
CA ASN A 141 -4.71 -16.13 -14.10
C ASN A 141 -5.35 -15.68 -12.80
N THR A 142 -6.27 -16.47 -12.26
CA THR A 142 -6.88 -16.17 -10.98
C THR A 142 -6.31 -17.07 -9.89
N ILE A 143 -6.10 -16.49 -8.71
CA ILE A 143 -5.83 -17.25 -7.51
C ILE A 143 -6.97 -16.98 -6.53
N THR A 144 -7.80 -17.99 -6.31
CA THR A 144 -8.87 -17.91 -5.32
C THR A 144 -8.26 -18.28 -3.99
N PHE A 145 -7.74 -17.27 -3.29
CA PHE A 145 -6.92 -17.54 -2.10
C PHE A 145 -7.70 -18.26 -1.01
N ALA A 146 -9.01 -18.04 -0.91
CA ALA A 146 -9.79 -18.71 0.14
C ALA A 146 -9.69 -20.22 0.04
N ASN A 147 -9.59 -20.77 -1.18
CA ASN A 147 -9.40 -22.21 -1.32
C ASN A 147 -8.11 -22.68 -0.67
N HIS A 148 -7.03 -21.91 -0.80
CA HIS A 148 -5.76 -22.28 -0.18
C HIS A 148 -5.83 -22.14 1.34
N VAL A 149 -6.33 -21.00 1.81
CA VAL A 149 -6.53 -20.78 3.24
C VAL A 149 -7.33 -21.93 3.86
N ASN A 150 -8.42 -22.33 3.21
CA ASN A 150 -9.27 -23.36 3.77
C ASN A 150 -8.66 -24.74 3.65
N ALA A 151 -7.87 -24.98 2.59
CA ALA A 151 -7.10 -26.22 2.54
C ALA A 151 -6.07 -26.25 3.65
N TRP A 152 -5.32 -25.16 3.81
CA TRP A 152 -4.33 -25.08 4.89
C TRP A 152 -4.97 -25.32 6.26
N LYS A 153 -6.11 -24.67 6.54
CA LYS A 153 -6.78 -24.89 7.82
C LYS A 153 -7.02 -26.37 8.10
N SER A 154 -7.45 -27.11 7.09
CA SER A 154 -7.72 -28.53 7.23
C SER A 154 -6.52 -29.32 7.70
N HIS A 155 -5.30 -28.82 7.51
CA HIS A 155 -4.08 -29.48 7.98
C HIS A 155 -3.48 -28.80 9.20
N GLY A 156 -4.27 -27.98 9.91
CA GLY A 156 -3.74 -27.27 11.06
C GLY A 156 -2.85 -26.09 10.70
N MET A 157 -2.77 -25.71 9.43
CA MET A 157 -1.98 -24.53 9.05
C MET A 157 -2.91 -23.33 9.09
N ASN A 158 -3.07 -22.81 10.31
CA ASN A 158 -3.87 -21.63 10.57
C ASN A 158 -3.00 -20.38 10.49
N LEU A 159 -3.48 -19.39 9.75
CA LEU A 159 -2.74 -18.16 9.57
C LEU A 159 -2.91 -17.27 10.82
N GLY A 160 -1.94 -16.39 11.03
CA GLY A 160 -1.99 -15.51 12.18
C GLY A 160 -3.16 -14.55 12.11
N SER A 161 -3.45 -13.89 13.22
CA SER A 161 -4.60 -12.99 13.29
C SER A 161 -4.28 -11.57 12.81
N SER A 162 -3.02 -11.25 12.62
CA SER A 162 -2.60 -9.91 12.24
C SER A 162 -2.00 -9.96 10.83
N TRP A 163 -2.69 -9.36 9.87
CA TRP A 163 -2.33 -9.50 8.46
C TRP A 163 -1.40 -8.38 8.00
N ALA A 164 -0.28 -8.77 7.38
CA ALA A 164 0.57 -7.79 6.73
C ALA A 164 0.25 -7.74 5.24
N TYR A 165 1.23 -7.45 4.39
CA TYR A 165 0.92 -7.22 3.00
C TYR A 165 0.68 -8.55 2.27
N GLN A 166 0.16 -8.43 1.06
CA GLN A 166 -0.31 -9.57 0.28
C GLN A 166 -0.18 -9.16 -1.18
N ILE A 167 0.77 -9.76 -1.90
CA ILE A 167 1.13 -9.33 -3.25
C ILE A 167 1.34 -10.52 -4.15
N ILE A 168 1.22 -10.27 -5.46
CA ILE A 168 1.73 -11.18 -6.47
C ILE A 168 3.20 -10.81 -6.66
N ALA A 169 4.09 -11.69 -6.26
CA ALA A 169 5.49 -11.36 -6.04
C ALA A 169 6.38 -12.11 -7.01
N THR A 170 7.37 -11.40 -7.53
CA THR A 170 8.50 -12.03 -8.19
C THR A 170 9.62 -12.13 -7.16
N GLU A 171 10.17 -13.33 -6.96
CA GLU A 171 11.21 -13.52 -5.96
C GLU A 171 12.38 -14.23 -6.62
N GLY A 172 13.60 -13.73 -6.40
CA GLY A 172 14.79 -14.32 -6.97
C GLY A 172 15.74 -14.77 -5.88
N TYR A 173 16.49 -15.83 -6.17
CA TYR A 173 17.51 -16.30 -5.24
C TYR A 173 18.76 -16.64 -6.03
N GLN A 174 19.79 -15.82 -5.89
CA GLN A 174 21.10 -16.08 -6.50
C GLN A 174 20.95 -16.42 -7.98
N SER A 175 20.30 -15.52 -8.71
CA SER A 175 19.91 -15.77 -10.08
C SER A 175 19.90 -14.45 -10.84
N SER A 176 19.51 -14.53 -12.11
CA SER A 176 19.23 -13.38 -12.97
C SER A 176 17.86 -13.58 -13.60
N GLY A 177 17.28 -12.51 -14.12
CA GLY A 177 16.02 -12.70 -14.83
C GLY A 177 15.28 -11.41 -15.15
N TYR A 178 14.11 -11.60 -15.72
N TYR A 178 14.05 -11.60 -15.61
CA TYR A 178 13.20 -10.52 -16.07
CA TYR A 178 13.20 -10.57 -16.24
C TYR A 178 11.79 -10.96 -15.73
C TYR A 178 11.74 -10.91 -15.97
N ALA A 179 10.97 -9.98 -15.39
CA ALA A 179 9.55 -10.23 -15.18
C ALA A 179 8.76 -8.95 -15.41
N ASN A 180 7.55 -9.12 -15.92
CA ASN A 180 6.62 -8.01 -16.10
C ASN A 180 5.23 -8.57 -15.82
N VAL A 181 4.52 -7.97 -14.85
CA VAL A 181 3.32 -8.56 -14.29
C VAL A 181 2.30 -7.46 -14.03
N THR A 182 1.03 -7.73 -14.30
CA THR A 182 -0.08 -6.85 -13.96
C THR A 182 -1.01 -7.57 -12.98
N VAL A 183 -1.41 -6.88 -11.91
CA VAL A 183 -2.17 -7.43 -10.80
C VAL A 183 -3.49 -6.67 -10.67
N TRP A 184 -4.57 -7.39 -10.38
CA TRP A 184 -5.81 -6.71 -10.05
C TRP A 184 -6.73 -7.56 -9.16
N THR B 2 10.79 6.29 -2.13
CA THR B 2 9.62 6.81 -2.83
C THR B 2 8.34 6.10 -2.36
N THR B 3 7.22 6.40 -3.01
CA THR B 3 5.92 6.01 -2.49
C THR B 3 5.70 4.50 -2.66
N ASN B 4 4.87 3.94 -1.79
CA ASN B 4 4.49 2.54 -1.94
C ASN B 4 3.00 2.31 -1.79
N TYR B 5 2.20 3.36 -1.66
CA TYR B 5 0.79 3.21 -1.34
C TYR B 5 -0.10 4.10 -2.21
N TRP B 6 -1.25 3.56 -2.57
CA TRP B 6 -2.24 4.24 -3.40
C TRP B 6 -3.59 4.17 -2.70
N GLN B 7 -4.16 5.33 -2.37
CA GLN B 7 -5.47 5.40 -1.75
C GLN B 7 -6.52 5.80 -2.77
N ASP B 8 -7.61 5.04 -2.84
CA ASP B 8 -8.74 5.37 -3.72
C ASP B 8 -10.03 5.02 -2.96
N TRP B 9 -10.56 5.98 -2.22
CA TRP B 9 -11.73 5.76 -1.40
C TRP B 9 -12.85 6.71 -1.77
N THR B 10 -14.06 6.18 -1.89
CA THR B 10 -15.25 6.97 -2.13
C THR B 10 -16.41 6.44 -1.29
N ASP B 11 -17.30 7.35 -0.87
CA ASP B 11 -18.55 6.89 -0.29
C ASP B 11 -19.58 6.49 -1.33
N GLY B 12 -19.20 6.44 -2.61
CA GLY B 12 -20.08 5.94 -3.64
C GLY B 12 -21.02 6.95 -4.25
N VAL B 13 -21.06 8.17 -3.75
CA VAL B 13 -21.96 9.20 -4.27
C VAL B 13 -21.32 9.84 -5.49
N GLY B 14 -22.09 9.99 -6.56
CA GLY B 14 -21.60 10.69 -7.74
C GLY B 14 -20.63 9.84 -8.54
N THR B 15 -19.67 10.52 -9.17
CA THR B 15 -18.69 9.88 -10.04
C THR B 15 -17.30 10.35 -9.64
N VAL B 16 -16.40 9.41 -9.36
CA VAL B 16 -15.03 9.70 -8.98
C VAL B 16 -14.15 8.73 -9.77
N ASN B 17 -13.37 9.25 -10.71
CA ASN B 17 -12.51 8.42 -11.54
C ASN B 17 -11.07 8.77 -11.19
N ALA B 18 -10.42 7.90 -10.43
CA ALA B 18 -9.04 8.10 -10.00
C ALA B 18 -8.10 7.26 -10.84
N SER B 19 -6.93 7.81 -11.16
CA SER B 19 -5.94 7.11 -11.98
C SER B 19 -4.63 6.96 -11.20
N ASN B 20 -4.29 5.71 -10.89
CA ASN B 20 -2.99 5.36 -10.30
C ASN B 20 -1.97 5.30 -11.43
N LEU B 21 -1.23 6.39 -11.62
CA LEU B 21 -0.22 6.44 -12.68
C LEU B 21 1.11 5.92 -12.14
N ALA B 22 2.11 5.87 -13.02
CA ALA B 22 3.41 5.31 -12.65
C ALA B 22 4.02 6.11 -11.51
N GLY B 23 4.81 5.41 -10.68
CA GLY B 23 5.51 6.08 -9.61
C GLY B 23 4.55 6.74 -8.63
N GLY B 24 4.85 7.98 -8.26
CA GLY B 24 4.06 8.65 -7.25
C GLY B 24 3.04 9.63 -7.80
N GLN B 25 2.70 9.50 -9.09
CA GLN B 25 1.76 10.41 -9.72
C GLN B 25 0.35 9.83 -9.74
N TYR B 26 -0.63 10.71 -9.61
CA TYR B 26 -2.01 10.29 -9.76
C TYR B 26 -2.83 11.44 -10.32
N SER B 27 -4.03 11.12 -10.76
CA SER B 27 -5.00 12.13 -11.14
C SER B 27 -6.37 11.64 -10.73
N VAL B 28 -7.31 12.57 -10.64
CA VAL B 28 -8.67 12.21 -10.27
C VAL B 28 -9.61 13.25 -10.85
N SER B 29 -10.72 12.79 -11.41
CA SER B 29 -11.79 13.69 -11.82
C SER B 29 -13.05 13.26 -11.10
N TRP B 30 -13.90 14.23 -10.78
CA TRP B 30 -15.11 13.89 -10.05
C TRP B 30 -16.25 14.83 -10.44
N THR B 31 -17.47 14.28 -10.38
CA THR B 31 -18.69 15.04 -10.67
C THR B 31 -19.68 14.77 -9.55
N ASN B 32 -20.12 15.83 -8.87
CA ASN B 32 -21.19 15.75 -7.87
C ASN B 32 -20.94 14.63 -6.87
N CYS B 33 -19.75 14.65 -6.26
CA CYS B 33 -19.39 13.63 -5.31
C CYS B 33 -20.15 13.82 -4.00
N GLY B 34 -20.10 12.78 -3.15
CA GLY B 34 -20.40 12.95 -1.75
C GLY B 34 -19.12 13.30 -1.01
N ASN B 35 -18.32 12.29 -0.67
CA ASN B 35 -17.03 12.49 -0.04
C ASN B 35 -16.07 11.47 -0.64
N PHE B 36 -14.85 11.89 -0.93
CA PHE B 36 -13.87 10.95 -1.45
C PHE B 36 -12.49 11.39 -1.00
N VAL B 37 -11.58 10.42 -0.93
CA VAL B 37 -10.18 10.68 -0.62
C VAL B 37 -9.33 9.83 -1.55
N VAL B 38 -8.48 10.48 -2.35
CA VAL B 38 -7.59 9.85 -3.31
C VAL B 38 -6.19 10.42 -3.10
N GLY B 39 -5.17 9.57 -3.16
CA GLY B 39 -3.81 10.09 -3.13
C GLY B 39 -2.77 8.99 -3.04
N LYS B 40 -1.51 9.40 -3.13
CA LYS B 40 -0.35 8.53 -3.14
C LYS B 40 0.53 8.84 -1.94
N GLY B 41 1.19 7.80 -1.43
CA GLY B 41 2.08 7.98 -0.30
C GLY B 41 2.66 6.67 0.19
N TRP B 42 2.55 6.44 1.49
CA TRP B 42 3.19 5.32 2.18
C TRP B 42 2.15 4.56 3.00
N SER B 43 2.29 3.23 3.05
CA SER B 43 1.28 2.44 3.76
C SER B 43 1.42 2.55 5.27
N THR B 44 2.60 2.93 5.77
CA THR B 44 2.81 3.20 7.19
C THR B 44 3.43 4.58 7.35
N GLY B 45 2.69 5.48 7.96
CA GLY B 45 3.20 6.83 8.17
C GLY B 45 4.33 6.86 9.17
N SER B 46 5.05 7.99 9.18
CA SER B 46 6.11 8.30 10.14
C SER B 46 5.92 9.74 10.58
N PRO B 47 6.12 10.04 11.87
CA PRO B 47 6.03 11.44 12.33
C PRO B 47 7.20 12.30 11.87
N SER B 48 8.24 11.70 11.30
CA SER B 48 9.41 12.46 10.87
C SER B 48 9.57 12.48 9.35
N ARG B 49 8.56 12.01 8.60
CA ARG B 49 8.71 11.96 7.15
C ARG B 49 8.72 13.36 6.55
N VAL B 50 9.59 13.54 5.56
CA VAL B 50 9.64 14.76 4.76
C VAL B 50 8.94 14.43 3.45
N VAL B 51 7.78 15.05 3.22
CA VAL B 51 6.95 14.74 2.06
C VAL B 51 7.08 15.85 1.04
N ASN B 52 7.31 15.48 -0.21
CA ASN B 52 7.39 16.40 -1.34
C ASN B 52 6.30 16.11 -2.34
N TYR B 53 5.81 17.16 -3.00
CA TYR B 53 4.80 16.94 -4.03
C TYR B 53 4.78 18.12 -4.98
N ASN B 54 4.18 17.89 -6.14
CA ASN B 54 3.92 18.95 -7.12
C ASN B 54 2.52 18.72 -7.68
N ALA B 55 1.63 19.68 -7.48
CA ALA B 55 0.29 19.56 -8.03
C ALA B 55 0.30 20.23 -9.39
N GLY B 56 0.35 19.43 -10.46
CA GLY B 56 0.23 19.99 -11.80
C GLY B 56 -1.11 20.64 -12.06
N ALA B 57 -2.15 20.15 -11.38
CA ALA B 57 -3.49 20.75 -11.44
C ALA B 57 -4.20 20.47 -10.12
N PHE B 58 -4.82 21.49 -9.55
CA PHE B 58 -5.73 21.32 -8.41
C PHE B 58 -6.96 22.18 -8.66
N SER B 59 -8.01 21.55 -9.19
CA SER B 59 -9.14 22.27 -9.78
C SER B 59 -10.46 21.91 -9.12
N PRO B 60 -10.61 22.04 -7.79
CA PRO B 60 -11.94 21.80 -7.23
C PRO B 60 -12.85 22.95 -7.65
N ASN B 61 -13.99 22.60 -8.22
CA ASN B 61 -15.03 23.56 -8.56
C ASN B 61 -16.04 23.49 -7.43
N GLY B 62 -15.68 24.15 -6.33
CA GLY B 62 -16.34 23.98 -5.05
C GLY B 62 -15.36 23.45 -4.01
N ASN B 63 -15.84 22.51 -3.19
CA ASN B 63 -15.14 22.14 -1.97
C ASN B 63 -14.17 21.00 -2.27
N GLY B 64 -12.89 21.27 -2.11
CA GLY B 64 -11.88 20.23 -2.18
C GLY B 64 -10.63 20.66 -1.42
N TYR B 65 -9.90 19.67 -0.91
CA TYR B 65 -8.68 19.94 -0.17
C TYR B 65 -7.50 19.25 -0.83
N LEU B 66 -6.31 19.81 -0.60
CA LEU B 66 -5.04 19.20 -0.98
C LEU B 66 -4.17 19.20 0.27
N SER B 67 -3.85 18.00 0.78
CA SER B 67 -3.32 17.87 2.13
C SER B 67 -2.32 16.72 2.23
N LEU B 68 -1.37 16.85 3.16
CA LEU B 68 -0.84 15.66 3.81
C LEU B 68 -1.91 15.10 4.73
N TYR B 69 -2.18 13.81 4.61
CA TYR B 69 -3.36 13.20 5.21
C TYR B 69 -3.03 11.78 5.65
N GLY B 70 -3.49 11.40 6.84
CA GLY B 70 -3.24 10.04 7.29
C GLY B 70 -3.95 9.74 8.59
N TRP B 71 -3.68 8.54 9.13
CA TRP B 71 -4.36 8.02 10.30
C TRP B 71 -3.38 7.36 11.25
N THR B 72 -3.69 7.44 12.55
CA THR B 72 -3.09 6.54 13.52
C THR B 72 -4.19 5.71 14.17
N ARG B 73 -3.77 4.60 14.77
CA ARG B 73 -4.57 3.84 15.72
C ARG B 73 -3.92 3.94 17.10
N SER B 74 -4.71 3.58 18.12
CA SER B 74 -4.32 3.59 19.54
C SER B 74 -3.75 4.94 19.96
N PRO B 75 -4.56 6.01 20.01
CA PRO B 75 -5.97 6.09 19.59
C PRO B 75 -6.19 6.35 18.08
N LEU B 76 -7.43 6.19 17.64
CA LEU B 76 -7.83 6.50 16.28
C LEU B 76 -7.81 8.02 16.07
N ILE B 77 -7.03 8.47 15.10
CA ILE B 77 -6.89 9.90 14.82
C ILE B 77 -6.72 10.10 13.31
N GLU B 78 -7.50 11.01 12.74
CA GLU B 78 -7.37 11.44 11.36
C GLU B 78 -6.68 12.79 11.33
N TYR B 79 -5.60 12.92 10.57
CA TYR B 79 -4.83 14.15 10.61
C TYR B 79 -4.63 14.74 9.21
N TYR B 80 -4.48 16.07 9.18
CA TYR B 80 -4.42 16.87 7.97
C TYR B 80 -3.32 17.91 8.10
N VAL B 81 -2.55 18.10 7.03
CA VAL B 81 -1.80 19.33 6.82
C VAL B 81 -2.27 19.87 5.47
N VAL B 82 -3.17 20.85 5.49
CA VAL B 82 -3.80 21.38 4.28
C VAL B 82 -2.96 22.52 3.70
N ASP B 83 -2.55 22.38 2.43
CA ASP B 83 -1.83 23.43 1.71
C ASP B 83 -2.71 24.20 0.73
N ASP B 84 -3.81 23.60 0.28
CA ASP B 84 -4.71 24.19 -0.70
C ASP B 84 -6.12 23.72 -0.43
N TRP B 85 -7.08 24.53 -0.87
CA TRP B 85 -8.49 24.19 -0.75
C TRP B 85 -9.26 24.97 -1.82
N GLY B 86 -10.53 24.65 -1.96
CA GLY B 86 -11.33 25.32 -2.96
C GLY B 86 -12.14 26.46 -2.40
N SER B 87 -13.47 26.33 -2.45
CA SER B 87 -14.36 27.36 -1.93
C SER B 87 -14.44 27.38 -0.40
N TYR B 88 -13.99 26.33 0.28
CA TYR B 88 -14.20 26.18 1.72
C TYR B 88 -12.87 25.93 2.43
N ARG B 89 -12.55 26.80 3.39
CA ARG B 89 -11.36 26.62 4.20
C ARG B 89 -11.72 25.85 5.46
N PRO B 90 -11.14 24.67 5.68
CA PRO B 90 -11.52 23.89 6.87
C PRO B 90 -11.01 24.56 8.13
N THR B 91 -11.85 24.55 9.17
CA THR B 91 -11.48 25.04 10.50
C THR B 91 -12.10 24.13 11.55
N GLY B 92 -11.55 24.21 12.76
CA GLY B 92 -12.14 23.58 13.94
C GLY B 92 -11.92 24.41 15.19
N THR B 93 -11.60 23.77 16.31
CA THR B 93 -11.22 24.49 17.52
C THR B 93 -9.79 24.98 17.41
N TYR B 94 -9.60 26.30 17.44
CA TYR B 94 -8.27 26.90 17.29
C TYR B 94 -7.36 26.58 18.47
N MET B 95 -6.12 26.23 18.16
CA MET B 95 -5.13 25.87 19.18
C MET B 95 -3.88 26.74 19.15
N GLY B 96 -3.60 27.42 18.05
CA GLY B 96 -2.34 28.12 17.87
C GLY B 96 -1.94 28.07 16.41
N THR B 97 -0.64 28.29 16.18
CA THR B 97 -0.11 28.31 14.83
C THR B 97 1.22 27.58 14.80
N VAL B 98 1.70 27.34 13.59
CA VAL B 98 3.02 26.78 13.36
C VAL B 98 3.51 27.25 12.00
N THR B 99 4.81 27.53 11.90
CA THR B 99 5.41 27.89 10.63
C THR B 99 6.28 26.73 10.15
N SER B 100 6.14 26.41 8.86
CA SER B 100 6.82 25.24 8.32
C SER B 100 6.88 25.43 6.81
N ASP B 101 8.04 25.12 6.23
CA ASP B 101 8.22 25.13 4.77
C ASP B 101 7.65 26.41 4.15
N GLY B 102 8.02 27.55 4.74
CA GLY B 102 7.70 28.84 4.18
C GLY B 102 6.28 29.33 4.36
N GLY B 103 5.42 28.58 5.05
CA GLY B 103 4.07 29.00 5.31
C GLY B 103 3.76 29.00 6.80
N THR B 104 2.65 29.66 7.14
CA THR B 104 2.11 29.67 8.50
C THR B 104 0.76 28.94 8.48
N TYR B 105 0.57 28.03 9.43
CA TYR B 105 -0.64 27.23 9.50
C TYR B 105 -1.37 27.49 10.81
N ASP B 106 -2.69 27.58 10.76
CA ASP B 106 -3.49 27.50 11.96
C ASP B 106 -3.70 26.05 12.37
N ILE B 107 -3.61 25.80 13.66
CA ILE B 107 -3.78 24.46 14.23
C ILE B 107 -5.18 24.36 14.80
N TYR B 108 -5.93 23.34 14.39
CA TYR B 108 -7.27 23.10 14.92
C TYR B 108 -7.45 21.64 15.33
N THR B 109 -8.43 21.39 16.21
CA THR B 109 -8.92 20.04 16.44
C THR B 109 -10.43 20.00 16.15
N ALA B 110 -10.94 18.79 15.95
CA ALA B 110 -12.36 18.58 15.71
C ALA B 110 -12.70 17.17 16.14
N THR B 111 -14.00 16.91 16.23
CA THR B 111 -14.52 15.60 16.63
C THR B 111 -15.47 15.13 15.55
N ARG B 112 -15.20 13.94 15.00
CA ARG B 112 -16.08 13.32 14.01
C ARG B 112 -16.87 12.22 14.69
N VAL B 113 -18.19 12.24 14.53
CA VAL B 113 -19.09 11.33 15.23
C VAL B 113 -19.76 10.42 14.22
N ASN B 114 -19.58 9.11 14.40
CA ASN B 114 -20.16 8.08 13.53
C ASN B 114 -19.85 8.37 12.06
N ALA B 115 -18.57 8.53 11.75
CA ALA B 115 -18.09 8.85 10.43
C ALA B 115 -17.29 7.70 9.83
N PRO B 116 -17.18 7.62 8.51
CA PRO B 116 -16.29 6.61 7.90
C PRO B 116 -14.85 6.77 8.38
N SER B 117 -14.20 5.65 8.63
CA SER B 117 -12.82 5.64 9.11
C SER B 117 -12.14 4.39 8.59
N ILE B 118 -10.86 4.24 8.95
CA ILE B 118 -10.14 3.03 8.56
C ILE B 118 -10.61 1.81 9.33
N ASP B 119 -11.39 2.02 10.40
CA ASP B 119 -11.97 0.92 11.15
C ASP B 119 -13.49 0.97 11.07
N GLY B 120 -14.04 1.17 9.86
CA GLY B 120 -15.47 1.31 9.70
C GLY B 120 -16.01 2.55 10.39
N THR B 121 -17.30 2.49 10.74
CA THR B 121 -17.94 3.59 11.45
C THR B 121 -17.37 3.72 12.86
N GLN B 122 -16.93 4.93 13.22
CA GLN B 122 -16.31 5.17 14.52
C GLN B 122 -16.58 6.62 14.94
N THR B 123 -16.12 6.95 16.14
CA THR B 123 -16.11 8.33 16.62
C THR B 123 -14.69 8.66 17.06
N PHE B 124 -14.12 9.72 16.48
CA PHE B 124 -12.68 9.93 16.60
C PHE B 124 -12.36 11.43 16.52
N THR B 125 -11.09 11.75 16.73
CA THR B 125 -10.60 13.12 16.77
C THR B 125 -9.77 13.41 15.52
N GLN B 126 -9.83 14.68 15.08
CA GLN B 126 -9.05 15.19 13.96
C GLN B 126 -8.04 16.21 14.45
N PHE B 127 -6.81 16.09 13.95
CA PHE B 127 -5.78 17.13 14.11
C PHE B 127 -5.57 17.82 12.77
N TRP B 128 -5.68 19.15 12.75
CA TRP B 128 -5.51 19.93 11.53
C TRP B 128 -4.39 20.94 11.67
N SER B 129 -3.56 21.02 10.62
CA SER B 129 -2.79 22.22 10.31
C SER B 129 -3.34 22.74 8.99
N VAL B 130 -3.79 23.99 8.96
CA VAL B 130 -4.38 24.57 7.76
C VAL B 130 -3.60 25.83 7.43
N ARG B 131 -3.04 25.87 6.23
CA ARG B 131 -2.21 27.01 5.84
C ARG B 131 -3.03 28.29 5.84
N GLN B 132 -2.39 29.40 6.25
CA GLN B 132 -3.14 30.63 6.43
C GLN B 132 -3.55 31.23 5.09
N SER B 133 -2.68 31.12 4.09
CA SER B 133 -3.04 31.39 2.71
C SER B 133 -2.74 30.15 1.85
N LYS B 134 -3.42 30.08 0.71
CA LYS B 134 -3.30 28.94 -0.20
C LYS B 134 -1.90 28.89 -0.81
N ARG B 135 -1.28 27.71 -0.76
CA ARG B 135 0.05 27.53 -1.30
C ARG B 135 0.00 27.52 -2.82
N SER B 136 1.11 27.88 -3.45
CA SER B 136 1.13 27.81 -4.91
C SER B 136 1.06 26.37 -5.39
N ILE B 137 0.47 26.18 -6.56
CA ILE B 137 0.50 24.89 -7.22
C ILE B 137 1.48 24.94 -8.38
N GLY B 138 1.71 23.80 -9.01
CA GLY B 138 2.70 23.75 -10.07
C GLY B 138 4.13 23.89 -9.59
N THR B 139 4.36 24.00 -8.30
CA THR B 139 5.69 24.13 -7.72
C THR B 139 6.01 22.89 -6.88
N ASN B 140 7.30 22.59 -6.73
CA ASN B 140 7.72 21.50 -5.86
C ASN B 140 7.62 21.95 -4.41
N ASN B 141 6.67 21.39 -3.66
CA ASN B 141 6.35 21.81 -2.31
C ASN B 141 6.75 20.73 -1.32
N THR B 142 7.41 21.14 -0.25
CA THR B 142 7.79 20.24 0.82
C THR B 142 6.88 20.44 2.03
N ILE B 143 6.51 19.35 2.69
CA ILE B 143 5.87 19.40 4.00
C ILE B 143 6.76 18.62 4.96
N THR B 144 7.36 19.34 5.91
CA THR B 144 8.24 18.75 6.91
C THR B 144 7.33 18.38 8.08
N PHE B 145 6.85 17.13 8.04
CA PHE B 145 5.77 16.74 8.93
C PHE B 145 6.20 16.81 10.39
N ALA B 146 7.50 16.65 10.67
CA ALA B 146 7.96 16.72 12.06
C ALA B 146 7.55 18.05 12.70
N ASN B 147 7.64 19.15 11.94
CA ASN B 147 7.27 20.46 12.47
C ASN B 147 5.82 20.47 12.95
N HIS B 148 4.92 19.83 12.19
CA HIS B 148 3.53 19.77 12.62
C HIS B 148 3.33 18.84 13.80
N VAL B 149 3.95 17.64 13.76
CA VAL B 149 3.82 16.72 14.88
C VAL B 149 4.23 17.41 16.19
N ASN B 150 5.43 17.98 16.20
CA ASN B 150 5.93 18.65 17.41
C ASN B 150 5.04 19.81 17.83
N ALA B 151 4.59 20.61 16.86
CA ALA B 151 3.68 21.71 17.20
C ALA B 151 2.40 21.18 17.82
N TRP B 152 1.84 20.12 17.24
CA TRP B 152 0.64 19.51 17.82
C TRP B 152 0.92 18.98 19.23
N LYS B 153 2.04 18.25 19.36
CA LYS B 153 2.51 17.72 20.64
C LYS B 153 2.50 18.78 21.72
N SER B 154 2.89 20.02 21.38
CA SER B 154 3.00 21.11 22.34
C SER B 154 1.65 21.69 22.76
N HIS B 155 0.56 21.39 22.02
CA HIS B 155 -0.78 21.77 22.46
C HIS B 155 -1.59 20.57 22.91
N GLY B 156 -0.91 19.49 23.32
CA GLY B 156 -1.61 18.34 23.86
C GLY B 156 -2.29 17.49 22.81
N MET B 157 -1.83 17.59 21.57
CA MET B 157 -2.40 16.87 20.45
C MET B 157 -1.45 15.70 20.16
N ASN B 158 -1.80 14.52 20.67
CA ASN B 158 -0.91 13.37 20.67
C ASN B 158 -1.45 12.33 19.70
N LEU B 159 -0.62 11.93 18.74
CA LEU B 159 -1.00 10.94 17.75
C LEU B 159 -0.91 9.54 18.35
N GLY B 160 -1.55 8.57 17.68
CA GLY B 160 -1.53 7.20 18.15
C GLY B 160 -0.18 6.54 17.96
N SER B 161 -0.07 5.32 18.49
CA SER B 161 1.17 4.58 18.41
C SER B 161 1.25 3.67 17.19
N SER B 162 0.12 3.33 16.59
CA SER B 162 0.07 2.46 15.41
C SER B 162 -0.29 3.29 14.17
N TRP B 163 0.64 3.37 13.22
CA TRP B 163 0.54 4.27 12.09
C TRP B 163 -0.06 3.58 10.87
N ALA B 164 -1.18 4.13 10.37
CA ALA B 164 -1.74 3.67 9.10
C ALA B 164 -1.16 4.46 7.93
N TYR B 165 -1.90 4.57 6.83
CA TYR B 165 -1.34 5.17 5.63
C TYR B 165 -1.16 6.68 5.79
N GLN B 166 -0.36 7.24 4.89
CA GLN B 166 0.04 8.64 4.94
C GLN B 166 0.31 9.08 3.51
N ILE B 167 -0.50 10.02 3.02
CA ILE B 167 -0.56 10.34 1.59
C ILE B 167 -0.67 11.86 1.39
N ILE B 168 -0.32 12.30 0.19
CA ILE B 168 -0.76 13.62 -0.29
C ILE B 168 -2.12 13.41 -0.94
N ALA B 169 -3.19 13.81 -0.26
CA ALA B 169 -4.55 13.46 -0.65
C ALA B 169 -5.29 14.62 -1.29
N THR B 170 -6.04 14.30 -2.36
CA THR B 170 -7.09 15.14 -2.89
C THR B 170 -8.40 14.66 -2.28
N GLU B 171 -9.12 15.56 -1.61
CA GLU B 171 -10.40 15.22 -0.98
C GLU B 171 -11.48 16.20 -1.44
N GLY B 172 -12.63 15.67 -1.82
CA GLY B 172 -13.76 16.49 -2.25
C GLY B 172 -14.96 16.26 -1.36
N TYR B 173 -15.75 17.32 -1.18
CA TYR B 173 -17.03 17.23 -0.48
C TYR B 173 -18.09 17.94 -1.30
N GLN B 174 -19.03 17.15 -1.83
CA GLN B 174 -20.22 17.66 -2.53
C GLN B 174 -19.85 18.68 -3.61
N SER B 175 -18.97 18.25 -4.51
CA SER B 175 -18.45 19.14 -5.53
C SER B 175 -18.06 18.34 -6.76
N SER B 176 -17.39 19.02 -7.68
CA SER B 176 -16.91 18.43 -8.92
C SER B 176 -15.51 19.00 -9.15
N GLY B 177 -14.67 18.26 -9.88
CA GLY B 177 -13.38 18.85 -10.19
C GLY B 177 -12.42 17.85 -10.81
N TYR B 178 -11.15 18.28 -10.84
CA TYR B 178 -10.05 17.52 -11.40
C TYR B 178 -8.81 17.84 -10.58
N ALA B 179 -7.91 16.86 -10.46
CA ALA B 179 -6.62 17.13 -9.85
C ALA B 179 -5.58 16.20 -10.46
N ASN B 180 -4.33 16.64 -10.44
CA ASN B 180 -3.18 15.89 -10.97
C ASN B 180 -1.99 16.20 -10.09
N VAL B 181 -1.46 15.21 -9.35
CA VAL B 181 -0.46 15.43 -8.31
C VAL B 181 0.64 14.38 -8.40
N THR B 182 1.89 14.81 -8.20
CA THR B 182 3.03 13.89 -8.12
C THR B 182 3.62 13.98 -6.74
N VAL B 183 3.85 12.82 -6.11
CA VAL B 183 4.27 12.72 -4.71
C VAL B 183 5.62 12.00 -4.64
N TRP B 184 6.51 12.48 -3.79
CA TRP B 184 7.75 11.74 -3.54
C TRP B 184 8.35 12.07 -2.16
C ACT C . 1.18 2.05 -6.45
O ACT C . 0.64 1.25 -7.26
OXT ACT C . 1.88 3.05 -6.70
CH3 ACT C . 0.96 1.78 -4.89
C ACT D . -8.91 27.27 -5.60
O ACT D . -10.12 27.65 -5.48
OXT ACT D . -7.85 27.87 -5.24
CH3 ACT D . -8.67 25.87 -6.28
#